data_5MWP
#
_entry.id   5MWP
#
_cell.length_a   48.599
_cell.length_b   78.120
_cell.length_c   79.123
_cell.angle_alpha   90.00
_cell.angle_beta   90.00
_cell.angle_gamma   90.00
#
_symmetry.space_group_name_H-M   'P 21 21 21'
#
loop_
_entity.id
_entity.type
_entity.pdbx_description
1 polymer 'Mineralocorticoid receptor'
2 polymer 'NCOA1 peptide'
3 non-polymer 2-[(3~{S})-7-fluoranyl-4-[(3-oxidanylidene-4~{H}-1,4-benzoxazin-6-yl)carbonyl]-2,3-dihydro-1,4-benzoxazin-3-yl]-~{N}-methyl-ethanamide
4 water water
#
loop_
_entity_poly.entity_id
_entity_poly.type
_entity_poly.pdbx_seq_one_letter_code
_entity_poly.pdbx_strand_id
1 'polypeptide(L)'
;MHNHNHNHNHNHNGGENLYFQGTPSPVMVLENIEPEIVYAGYDSSKPDTAENLLSTLNRLAGKQMIQVVKWAKVLPGFKN
LPLEDQITLIQYSWMSLSSFALSWRSYKHTNSQFLYFAPDLVFNEEKMHQSAMYELCQGMHQISLQFVRLQLTFEEYTIM
KVLLLLSTIPKDGLKSQAAFEEMRTNYIKELRKMVTKSPNNSGQSWQRFYQLTKLLDSMHDLVSDLLEFCFYTFRESHAL
KVEFPAMLVEIISDQLPKVESGNAKPLYFHRKGGSLVPRGSGGGSGGSGGPQAQQKSLLQQLLTE
;
A
2 'polypeptide(L)' PQAQQKSLLQQLLTE B
#
loop_
_chem_comp.id
_chem_comp.type
_chem_comp.name
_chem_comp.formula
ECV non-polymer 2-[(3~{S})-7-fluoranyl-4-[(3-oxidanylidene-4~{H}-1,4-benzoxazin-6-yl)carbonyl]-2,3-dihydro-1,4-benzoxazin-3-yl]-~{N}-methyl-ethanamide 'C20 H18 F N3 O5'
#
# COMPACT_ATOMS: atom_id res chain seq x y z
N TYR A 19 -19.58 17.53 3.45
CA TYR A 19 -18.72 16.48 4.01
C TYR A 19 -17.41 17.05 4.58
N PHE A 20 -16.73 17.94 3.82
CA PHE A 20 -15.47 18.55 4.22
C PHE A 20 -15.66 19.95 4.81
N SER A 25 -9.37 22.90 2.22
CA SER A 25 -9.19 21.81 1.25
C SER A 25 -8.55 20.58 1.90
N PRO A 26 -9.20 19.39 1.80
CA PRO A 26 -8.60 18.17 2.39
C PRO A 26 -7.29 17.73 1.74
N VAL A 27 -7.03 18.15 0.48
CA VAL A 27 -5.77 17.78 -0.21
C VAL A 27 -4.57 18.48 0.43
N MET A 28 -4.77 19.74 0.90
CA MET A 28 -3.76 20.53 1.60
C MET A 28 -3.39 19.79 2.90
N VAL A 29 -4.39 19.17 3.56
CA VAL A 29 -4.20 18.36 4.76
C VAL A 29 -3.36 17.11 4.41
N LEU A 30 -3.75 16.39 3.32
CA LEU A 30 -3.04 15.19 2.84
C LEU A 30 -1.55 15.43 2.63
N GLU A 31 -1.20 16.57 1.99
CA GLU A 31 0.17 16.97 1.71
C GLU A 31 0.99 17.15 3.01
N ASN A 32 0.35 17.63 4.09
CA ASN A 32 1.03 17.86 5.37
C ASN A 32 1.10 16.67 6.30
N ILE A 33 0.25 15.66 6.11
CA ILE A 33 0.23 14.51 7.01
C ILE A 33 1.01 13.31 6.45
N GLU A 34 1.73 13.53 5.35
CA GLU A 34 2.55 12.49 4.73
C GLU A 34 3.65 12.01 5.72
N PRO A 35 3.82 10.68 5.90
CA PRO A 35 4.82 10.19 6.87
C PRO A 35 6.27 10.56 6.59
N GLU A 36 7.10 10.57 7.64
CA GLU A 36 8.54 10.83 7.57
C GLU A 36 9.24 9.65 6.87
N ILE A 37 10.53 9.82 6.56
CA ILE A 37 11.30 8.76 5.90
C ILE A 37 11.65 7.65 6.89
N VAL A 38 11.52 6.39 6.46
CA VAL A 38 11.83 5.22 7.31
C VAL A 38 13.03 4.48 6.75
N TYR A 39 14.08 4.29 7.57
CA TYR A 39 15.26 3.53 7.17
C TYR A 39 14.94 2.06 7.27
N ALA A 40 15.56 1.25 6.40
CA ALA A 40 15.35 -0.19 6.39
C ALA A 40 16.15 -0.87 7.50
N GLY A 41 17.31 -0.32 7.84
CA GLY A 41 18.22 -0.92 8.82
C GLY A 41 18.87 -2.12 8.19
N TYR A 42 19.18 -2.00 6.89
CA TYR A 42 19.78 -3.03 6.06
C TYR A 42 21.25 -3.19 6.41
N ASP A 43 21.66 -4.45 6.68
CA ASP A 43 23.03 -4.80 7.03
C ASP A 43 23.76 -5.29 5.77
N SER A 44 24.46 -4.36 5.09
CA SER A 44 25.22 -4.65 3.87
C SER A 44 26.48 -5.49 4.13
N SER A 45 26.83 -5.72 5.42
CA SER A 45 27.97 -6.57 5.78
C SER A 45 27.51 -8.04 5.78
N LYS A 46 26.20 -8.27 6.02
CA LYS A 46 25.59 -9.60 6.00
C LYS A 46 25.46 -10.10 4.55
N PRO A 47 25.48 -11.44 4.28
CA PRO A 47 25.37 -11.91 2.89
C PRO A 47 24.01 -11.57 2.28
N ASP A 48 24.01 -11.18 0.99
CA ASP A 48 22.77 -10.79 0.31
C ASP A 48 22.00 -11.99 -0.21
N THR A 49 21.41 -12.73 0.74
CA THR A 49 20.61 -13.90 0.46
C THR A 49 19.17 -13.44 0.39
N ALA A 50 18.28 -14.30 -0.15
CA ALA A 50 16.85 -14.05 -0.24
C ALA A 50 16.29 -13.89 1.17
N GLU A 51 16.70 -14.79 2.10
CA GLU A 51 16.28 -14.77 3.52
C GLU A 51 16.62 -13.46 4.20
N ASN A 52 17.85 -12.95 4.05
CA ASN A 52 18.28 -11.67 4.64
C ASN A 52 17.55 -10.46 4.05
N LEU A 53 17.43 -10.38 2.71
CA LEU A 53 16.74 -9.28 2.01
C LEU A 53 15.26 -9.23 2.34
N LEU A 54 14.57 -10.36 2.26
CA LEU A 54 13.13 -10.41 2.55
C LEU A 54 12.84 -10.09 4.02
N SER A 55 13.74 -10.53 4.95
CA SER A 55 13.61 -10.25 6.39
C SER A 55 13.73 -8.74 6.62
N THR A 56 14.68 -8.10 5.94
CA THR A 56 14.85 -6.65 5.97
C THR A 56 13.59 -5.95 5.39
N LEU A 57 13.04 -6.47 4.27
CA LEU A 57 11.84 -5.88 3.68
C LEU A 57 10.64 -5.99 4.63
N ASN A 58 10.53 -7.13 5.33
CA ASN A 58 9.45 -7.35 6.29
C ASN A 58 9.57 -6.44 7.50
N ARG A 59 10.83 -6.21 7.97
CA ARG A 59 11.08 -5.31 9.10
C ARG A 59 10.64 -3.90 8.68
N LEU A 60 11.03 -3.50 7.45
CA LEU A 60 10.64 -2.19 6.89
C LEU A 60 9.12 -2.05 6.77
N ALA A 61 8.44 -3.11 6.30
CA ALA A 61 6.98 -3.13 6.16
C ALA A 61 6.25 -2.93 7.51
N GLY A 62 6.81 -3.54 8.56
CA GLY A 62 6.32 -3.39 9.94
C GLY A 62 6.41 -1.94 10.39
N LYS A 63 7.55 -1.30 10.07
CA LYS A 63 7.76 0.11 10.44
C LYS A 63 6.80 1.03 9.68
N GLN A 64 6.59 0.77 8.38
CA GLN A 64 5.65 1.51 7.52
C GLN A 64 4.22 1.35 8.00
N MET A 65 3.90 0.17 8.54
CA MET A 65 2.56 -0.05 9.06
C MET A 65 2.21 0.88 10.20
N ILE A 66 3.17 1.14 11.10
CA ILE A 66 2.94 2.05 12.24
C ILE A 66 2.65 3.43 11.69
N GLN A 67 3.41 3.82 10.67
CA GLN A 67 3.23 5.10 10.00
C GLN A 67 1.85 5.21 9.32
N VAL A 68 1.36 4.11 8.69
CA VAL A 68 0.05 4.09 8.04
C VAL A 68 -1.05 4.35 9.08
N VAL A 69 -0.96 3.66 10.25
CA VAL A 69 -1.97 3.84 11.30
C VAL A 69 -1.95 5.28 11.80
N LYS A 70 -0.75 5.87 11.99
CA LYS A 70 -0.67 7.27 12.47
C LYS A 70 -1.31 8.26 11.47
N TRP A 71 -1.06 8.01 10.18
CA TRP A 71 -1.59 8.82 9.06
C TRP A 71 -3.10 8.66 8.97
N ALA A 72 -3.58 7.41 9.05
CA ALA A 72 -5.01 7.11 8.94
C ALA A 72 -5.85 7.79 10.03
N LYS A 73 -5.31 7.89 11.27
CA LYS A 73 -6.00 8.52 12.41
C LYS A 73 -6.30 10.00 12.17
N VAL A 74 -5.41 10.70 11.44
CA VAL A 74 -5.58 12.12 11.15
C VAL A 74 -6.10 12.36 9.73
N LEU A 75 -6.46 11.30 9.00
CA LEU A 75 -6.97 11.40 7.65
C LEU A 75 -8.42 11.91 7.71
N PRO A 76 -8.76 13.06 7.07
CA PRO A 76 -10.14 13.59 7.18
C PRO A 76 -11.23 12.57 6.79
N GLY A 77 -12.15 12.34 7.71
CA GLY A 77 -13.27 11.41 7.57
C GLY A 77 -13.05 9.99 8.08
N PHE A 78 -11.76 9.58 8.30
CA PHE A 78 -11.45 8.22 8.74
C PHE A 78 -11.97 7.91 10.15
N LYS A 79 -11.94 8.93 11.04
CA LYS A 79 -12.47 8.85 12.41
C LYS A 79 -13.96 8.52 12.47
N ASN A 80 -14.73 8.91 11.44
CA ASN A 80 -16.17 8.65 11.37
C ASN A 80 -16.47 7.14 11.24
N LEU A 81 -15.53 6.36 10.68
CA LEU A 81 -15.77 4.91 10.53
C LEU A 81 -15.57 4.16 11.86
N PRO A 82 -16.38 3.11 12.16
CA PRO A 82 -16.19 2.36 13.40
C PRO A 82 -14.84 1.67 13.43
N LEU A 83 -14.31 1.43 14.65
CA LEU A 83 -13.01 0.79 14.87
C LEU A 83 -12.84 -0.47 14.05
N GLU A 84 -13.86 -1.37 14.06
CA GLU A 84 -13.82 -2.62 13.30
C GLU A 84 -13.58 -2.38 11.81
N ASP A 85 -14.25 -1.37 11.22
CA ASP A 85 -14.08 -1.04 9.80
C ASP A 85 -12.70 -0.44 9.55
N GLN A 86 -12.19 0.38 10.50
CA GLN A 86 -10.86 0.98 10.34
C GLN A 86 -9.78 -0.10 10.25
N ILE A 87 -9.89 -1.13 11.10
CA ILE A 87 -8.95 -2.25 11.16
C ILE A 87 -9.05 -3.07 9.87
N THR A 88 -10.29 -3.35 9.41
CA THR A 88 -10.52 -4.12 8.18
C THR A 88 -9.84 -3.41 6.99
N LEU A 89 -10.08 -2.09 6.84
CA LEU A 89 -9.53 -1.31 5.73
C LEU A 89 -7.99 -1.28 5.72
N ILE A 90 -7.39 -1.08 6.89
CA ILE A 90 -5.93 -1.09 7.03
C ILE A 90 -5.34 -2.47 6.71
N GLN A 91 -5.96 -3.54 7.21
CA GLN A 91 -5.51 -4.93 6.97
C GLN A 91 -5.65 -5.31 5.49
N TYR A 92 -6.79 -4.98 4.86
CA TYR A 92 -6.99 -5.30 3.45
C TYR A 92 -6.10 -4.50 2.49
N SER A 93 -5.81 -3.25 2.82
CA SER A 93 -5.08 -2.35 1.92
C SER A 93 -3.58 -2.22 2.15
N TRP A 94 -3.03 -2.87 3.20
CA TRP A 94 -1.61 -2.70 3.55
C TRP A 94 -0.64 -2.88 2.37
N MET A 95 -0.78 -3.97 1.58
CA MET A 95 0.12 -4.19 0.42
C MET A 95 -0.09 -3.15 -0.68
N SER A 96 -1.35 -2.69 -0.90
N SER A 96 -1.35 -2.70 -0.89
CA SER A 96 -1.71 -1.68 -1.89
CA SER A 96 -1.71 -1.71 -1.89
C SER A 96 -1.04 -0.35 -1.56
C SER A 96 -1.06 -0.35 -1.57
N LEU A 97 -1.18 0.12 -0.29
CA LEU A 97 -0.55 1.37 0.18
C LEU A 97 0.96 1.30 0.12
N SER A 98 1.53 0.16 0.53
N SER A 98 1.57 0.22 0.62
CA SER A 98 2.98 -0.06 0.52
CA SER A 98 3.03 0.10 0.61
C SER A 98 3.56 -0.06 -0.92
C SER A 98 3.61 0.03 -0.83
N SER A 99 2.89 -0.75 -1.87
N SER A 99 2.92 -0.66 -1.77
CA SER A 99 3.37 -0.80 -3.27
CA SER A 99 3.36 -0.76 -3.17
C SER A 99 3.27 0.56 -3.95
C SER A 99 3.33 0.61 -3.83
N PHE A 100 2.17 1.31 -3.68
CA PHE A 100 1.96 2.63 -4.25
C PHE A 100 2.98 3.62 -3.73
N ALA A 101 3.30 3.56 -2.43
CA ALA A 101 4.28 4.46 -1.81
C ALA A 101 5.69 4.15 -2.34
N LEU A 102 5.98 2.85 -2.56
CA LEU A 102 7.27 2.42 -3.13
C LEU A 102 7.41 3.01 -4.56
N SER A 103 6.34 2.93 -5.38
N SER A 103 6.34 2.94 -5.37
CA SER A 103 6.39 3.49 -6.74
CA SER A 103 6.37 3.51 -6.72
C SER A 103 6.60 5.01 -6.69
C SER A 103 6.62 5.02 -6.67
N TRP A 104 5.99 5.71 -5.70
CA TRP A 104 6.20 7.15 -5.52
C TRP A 104 7.67 7.49 -5.15
N ARG A 105 8.26 6.75 -4.16
CA ARG A 105 9.63 7.04 -3.74
C ARG A 105 10.60 6.78 -4.91
N SER A 106 10.35 5.69 -5.66
CA SER A 106 11.14 5.29 -6.82
C SER A 106 11.12 6.40 -7.89
N TYR A 107 9.92 6.92 -8.17
CA TYR A 107 9.70 8.04 -9.08
C TYR A 107 10.36 9.33 -8.60
N LYS A 108 10.08 9.76 -7.36
CA LYS A 108 10.58 11.02 -6.82
C LYS A 108 12.12 11.03 -6.66
N HIS A 109 12.70 9.96 -6.13
CA HIS A 109 14.14 9.93 -5.83
C HIS A 109 15.03 9.39 -6.94
N THR A 110 14.51 8.56 -7.88
CA THR A 110 15.39 7.97 -8.92
C THR A 110 14.87 8.16 -10.36
N ASN A 111 13.75 8.90 -10.56
CA ASN A 111 13.06 9.05 -11.84
C ASN A 111 12.64 7.65 -12.38
N SER A 112 12.28 6.76 -11.44
CA SER A 112 11.80 5.40 -11.66
C SER A 112 12.83 4.51 -12.34
N GLN A 113 14.14 4.75 -12.06
CA GLN A 113 15.23 3.92 -12.58
C GLN A 113 15.49 2.74 -11.64
N PHE A 114 15.23 2.90 -10.32
CA PHE A 114 15.45 1.87 -9.31
C PHE A 114 14.26 1.73 -8.37
N LEU A 115 14.20 0.65 -7.56
CA LEU A 115 13.13 0.54 -6.55
C LEU A 115 13.68 1.11 -5.24
N TYR A 116 13.20 2.31 -4.88
CA TYR A 116 13.64 3.03 -3.68
C TYR A 116 12.86 2.58 -2.43
N PHE A 117 13.26 1.42 -1.85
CA PHE A 117 12.57 0.94 -0.64
C PHE A 117 12.78 1.88 0.53
N ALA A 118 14.02 2.38 0.67
CA ALA A 118 14.41 3.27 1.75
C ALA A 118 15.71 3.94 1.33
N PRO A 119 16.11 5.08 1.94
CA PRO A 119 17.42 5.67 1.58
C PRO A 119 18.61 4.69 1.63
N ASP A 120 18.58 3.76 2.59
CA ASP A 120 19.62 2.76 2.84
C ASP A 120 19.36 1.42 2.11
N LEU A 121 18.29 1.36 1.29
CA LEU A 121 17.93 0.15 0.56
C LEU A 121 17.26 0.45 -0.80
N VAL A 122 18.08 0.52 -1.84
CA VAL A 122 17.67 0.86 -3.20
C VAL A 122 18.03 -0.33 -4.10
N PHE A 123 17.02 -0.98 -4.69
CA PHE A 123 17.23 -2.17 -5.51
C PHE A 123 17.65 -1.86 -6.93
N ASN A 124 18.72 -2.52 -7.34
CA ASN A 124 19.25 -2.57 -8.69
C ASN A 124 18.87 -3.97 -9.18
N GLU A 125 19.30 -4.37 -10.40
CA GLU A 125 19.03 -5.70 -10.97
C GLU A 125 19.48 -6.81 -10.01
N GLU A 126 20.69 -6.65 -9.43
CA GLU A 126 21.31 -7.59 -8.50
C GLU A 126 20.40 -7.92 -7.33
N LYS A 127 19.92 -6.89 -6.62
CA LYS A 127 19.04 -7.09 -5.47
C LYS A 127 17.68 -7.67 -5.86
N MET A 128 17.15 -7.27 -7.03
CA MET A 128 15.89 -7.83 -7.56
C MET A 128 16.02 -9.35 -7.75
N HIS A 129 17.17 -9.80 -8.28
CA HIS A 129 17.42 -11.23 -8.41
C HIS A 129 17.63 -11.90 -7.05
N GLN A 130 18.46 -11.28 -6.17
CA GLN A 130 18.80 -11.84 -4.84
C GLN A 130 17.58 -12.02 -3.94
N SER A 131 16.60 -11.11 -4.03
CA SER A 131 15.39 -11.11 -3.23
C SER A 131 14.46 -12.28 -3.54
N ALA A 132 14.76 -13.05 -4.63
CA ALA A 132 13.92 -14.14 -5.17
C ALA A 132 12.51 -13.63 -5.59
N MET A 133 12.38 -12.30 -5.81
CA MET A 133 11.13 -11.65 -6.25
C MET A 133 11.34 -10.87 -7.56
N TYR A 134 12.23 -11.35 -8.46
CA TYR A 134 12.55 -10.63 -9.69
C TYR A 134 11.34 -10.21 -10.55
N GLU A 135 10.47 -11.16 -10.94
CA GLU A 135 9.32 -10.83 -11.78
C GLU A 135 8.34 -9.85 -11.09
N LEU A 136 8.16 -9.99 -9.76
CA LEU A 136 7.31 -9.10 -8.98
C LEU A 136 7.91 -7.70 -8.91
N CYS A 137 9.24 -7.62 -8.75
CA CYS A 137 10.00 -6.35 -8.72
C CYS A 137 9.84 -5.63 -10.07
N GLN A 138 9.86 -6.39 -11.19
CA GLN A 138 9.66 -5.82 -12.54
C GLN A 138 8.25 -5.27 -12.72
N GLY A 139 7.24 -5.97 -12.16
CA GLY A 139 5.85 -5.53 -12.18
C GLY A 139 5.69 -4.21 -11.45
N MET A 140 6.40 -4.08 -10.33
CA MET A 140 6.41 -2.88 -9.52
C MET A 140 7.09 -1.73 -10.27
N HIS A 141 8.23 -1.99 -10.91
CA HIS A 141 8.95 -1.00 -11.70
C HIS A 141 8.06 -0.46 -12.82
N GLN A 142 7.17 -1.32 -13.41
CA GLN A 142 6.22 -0.92 -14.46
C GLN A 142 5.25 0.16 -13.99
N ILE A 143 4.78 0.08 -12.72
CA ILE A 143 3.91 1.08 -12.10
C ILE A 143 4.69 2.40 -11.95
N SER A 144 5.93 2.33 -11.44
CA SER A 144 6.75 3.54 -11.28
C SER A 144 7.04 4.20 -12.65
N LEU A 145 7.17 3.36 -13.71
CA LEU A 145 7.35 3.87 -15.06
C LEU A 145 6.08 4.60 -15.53
N GLN A 146 4.88 4.19 -15.04
CA GLN A 146 3.63 4.89 -15.39
C GLN A 146 3.56 6.28 -14.71
N PHE A 147 4.18 6.43 -13.51
CA PHE A 147 4.26 7.71 -12.81
C PHE A 147 5.05 8.69 -13.69
N VAL A 148 6.12 8.22 -14.33
CA VAL A 148 6.94 9.06 -15.21
C VAL A 148 6.14 9.44 -16.47
N ARG A 149 5.49 8.46 -17.11
CA ARG A 149 4.70 8.65 -18.34
C ARG A 149 3.60 9.68 -18.11
N LEU A 150 2.86 9.56 -16.98
CA LEU A 150 1.76 10.45 -16.64
C LEU A 150 2.20 11.74 -15.95
N GLN A 151 3.46 11.82 -15.52
CA GLN A 151 4.02 12.94 -14.75
C GLN A 151 3.15 13.15 -13.50
N LEU A 152 2.93 12.07 -12.75
CA LEU A 152 2.09 12.10 -11.54
C LEU A 152 2.53 13.20 -10.57
N THR A 153 1.56 13.98 -10.07
CA THR A 153 1.84 15.07 -9.13
C THR A 153 1.65 14.58 -7.70
N PHE A 154 2.27 15.29 -6.75
CA PHE A 154 2.19 14.91 -5.34
C PHE A 154 0.76 15.01 -4.83
N GLU A 155 0.00 16.03 -5.27
CA GLU A 155 -1.42 16.20 -4.90
C GLU A 155 -2.24 15.02 -5.41
N GLU A 156 -2.04 14.62 -6.68
CA GLU A 156 -2.70 13.45 -7.28
C GLU A 156 -2.36 12.19 -6.49
N TYR A 157 -1.05 11.99 -6.22
CA TYR A 157 -0.55 10.88 -5.44
C TYR A 157 -1.26 10.78 -4.04
N THR A 158 -1.30 11.87 -3.26
CA THR A 158 -1.91 11.82 -1.93
C THR A 158 -3.41 11.42 -1.98
N ILE A 159 -4.17 11.88 -2.99
CA ILE A 159 -5.61 11.53 -3.09
C ILE A 159 -5.73 10.05 -3.46
N MET A 160 -4.88 9.60 -4.39
CA MET A 160 -4.93 8.20 -4.84
C MET A 160 -4.58 7.21 -3.72
N LYS A 161 -3.67 7.59 -2.79
CA LYS A 161 -3.29 6.76 -1.66
C LYS A 161 -4.52 6.56 -0.76
N VAL A 162 -5.34 7.62 -0.57
CA VAL A 162 -6.58 7.52 0.22
C VAL A 162 -7.54 6.55 -0.49
N LEU A 163 -7.65 6.66 -1.82
CA LEU A 163 -8.52 5.75 -2.59
C LEU A 163 -8.07 4.31 -2.47
N LEU A 164 -6.75 4.06 -2.38
CA LEU A 164 -6.25 2.70 -2.15
C LEU A 164 -6.59 2.17 -0.76
N LEU A 165 -6.53 3.03 0.28
CA LEU A 165 -6.94 2.64 1.63
C LEU A 165 -8.44 2.19 1.57
N LEU A 166 -9.22 2.81 0.68
CA LEU A 166 -10.66 2.52 0.57
C LEU A 166 -11.00 1.65 -0.66
N SER A 167 -10.06 0.80 -1.12
N SER A 167 -10.04 0.81 -1.13
CA SER A 167 -10.31 0.02 -2.34
CA SER A 167 -10.25 0.03 -2.35
C SER A 167 -10.55 -1.49 -2.17
C SER A 167 -10.50 -1.49 -2.17
N THR A 168 -10.47 -2.03 -0.95
CA THR A 168 -10.72 -3.45 -0.70
C THR A 168 -11.57 -3.58 0.55
N ILE A 169 -12.74 -4.19 0.42
CA ILE A 169 -13.68 -4.36 1.54
C ILE A 169 -14.12 -5.83 1.70
N PRO A 170 -14.79 -6.26 2.80
CA PRO A 170 -15.28 -7.64 2.84
C PRO A 170 -16.38 -7.85 1.79
N LYS A 171 -16.50 -9.08 1.29
CA LYS A 171 -17.50 -9.48 0.29
C LYS A 171 -18.90 -9.10 0.76
N ASP A 172 -19.20 -9.27 2.07
CA ASP A 172 -20.48 -8.95 2.68
C ASP A 172 -20.57 -7.49 3.18
N GLY A 173 -19.61 -6.66 2.74
CA GLY A 173 -19.52 -5.25 3.11
C GLY A 173 -19.00 -5.01 4.51
N LEU A 174 -18.86 -3.73 4.88
CA LEU A 174 -18.40 -3.27 6.19
C LEU A 174 -19.58 -3.11 7.15
N LYS A 175 -19.30 -2.91 8.46
CA LYS A 175 -20.33 -2.71 9.49
C LYS A 175 -21.13 -1.41 9.23
N SER A 176 -20.43 -0.33 8.79
CA SER A 176 -21.07 0.93 8.44
C SER A 176 -20.76 1.20 6.96
N GLN A 177 -21.44 0.46 6.06
CA GLN A 177 -21.21 0.56 4.62
C GLN A 177 -21.51 1.96 4.07
N ALA A 178 -22.61 2.59 4.54
CA ALA A 178 -23.00 3.93 4.09
C ALA A 178 -21.93 4.97 4.42
N ALA A 179 -21.39 4.94 5.67
CA ALA A 179 -20.32 5.84 6.14
C ALA A 179 -19.09 5.70 5.23
N PHE A 180 -18.71 4.45 4.89
CA PHE A 180 -17.57 4.17 4.02
C PHE A 180 -17.77 4.75 2.62
N GLU A 181 -18.95 4.50 2.03
CA GLU A 181 -19.26 4.94 0.68
C GLU A 181 -19.24 6.44 0.54
N GLU A 182 -19.73 7.18 1.56
CA GLU A 182 -19.70 8.64 1.62
C GLU A 182 -18.23 9.14 1.60
N MET A 183 -17.36 8.57 2.45
CA MET A 183 -15.95 8.95 2.48
C MET A 183 -15.30 8.69 1.11
N ARG A 184 -15.45 7.47 0.55
N ARG A 184 -15.46 7.47 0.55
CA ARG A 184 -14.89 7.10 -0.75
CA ARG A 184 -14.89 7.09 -0.75
C ARG A 184 -15.35 8.04 -1.87
C ARG A 184 -15.35 8.01 -1.89
N THR A 185 -16.68 8.27 -1.97
CA THR A 185 -17.28 9.15 -2.99
C THR A 185 -16.67 10.55 -2.92
N ASN A 186 -16.48 11.07 -1.69
CA ASN A 186 -15.94 12.40 -1.50
C ASN A 186 -14.49 12.50 -1.91
N TYR A 187 -13.71 11.42 -1.72
CA TYR A 187 -12.32 11.47 -2.16
C TYR A 187 -12.23 11.35 -3.69
N ILE A 188 -13.18 10.63 -4.33
CA ILE A 188 -13.27 10.52 -5.80
C ILE A 188 -13.57 11.92 -6.37
N LYS A 189 -14.50 12.67 -5.74
CA LYS A 189 -14.82 14.06 -6.10
C LYS A 189 -13.56 14.92 -5.99
N GLU A 190 -12.74 14.69 -4.94
CA GLU A 190 -11.47 15.41 -4.76
C GLU A 190 -10.48 15.14 -5.88
N LEU A 191 -10.42 13.90 -6.37
CA LEU A 191 -9.53 13.54 -7.47
C LEU A 191 -9.99 14.22 -8.76
N ARG A 192 -11.31 14.19 -9.03
CA ARG A 192 -11.91 14.84 -10.20
C ARG A 192 -11.65 16.36 -10.19
N LYS A 193 -11.79 17.02 -9.03
CA LYS A 193 -11.51 18.46 -8.87
C LYS A 193 -10.04 18.77 -9.16
N MET A 194 -9.12 17.91 -8.67
CA MET A 194 -7.67 18.01 -8.77
C MET A 194 -7.14 17.89 -10.21
N VAL A 195 -7.66 16.92 -11.01
CA VAL A 195 -7.20 16.69 -12.40
C VAL A 195 -7.37 17.93 -13.31
N THR A 196 -8.34 18.83 -12.99
CA THR A 196 -8.58 20.08 -13.73
C THR A 196 -7.32 20.96 -13.78
N LYS A 197 -6.53 20.97 -12.68
CA LYS A 197 -5.27 21.71 -12.57
C LYS A 197 -4.18 20.95 -13.32
N SER A 205 -9.95 17.73 -18.98
CA SER A 205 -9.47 17.09 -17.74
C SER A 205 -9.99 15.66 -17.58
N TRP A 206 -11.08 15.29 -18.31
CA TRP A 206 -11.66 13.94 -18.24
C TRP A 206 -10.64 12.88 -18.64
N GLN A 207 -9.77 13.21 -19.60
CA GLN A 207 -8.76 12.26 -20.07
C GLN A 207 -7.83 11.91 -18.93
N ARG A 208 -7.32 12.92 -18.18
CA ARG A 208 -6.44 12.64 -17.04
C ARG A 208 -7.15 11.84 -15.95
N PHE A 209 -8.43 12.16 -15.64
CA PHE A 209 -9.19 11.40 -14.64
C PHE A 209 -9.20 9.90 -14.93
N TYR A 210 -9.50 9.52 -16.18
CA TYR A 210 -9.52 8.11 -16.59
C TYR A 210 -8.13 7.49 -16.64
N GLN A 211 -7.07 8.29 -16.89
CA GLN A 211 -5.71 7.73 -16.85
C GLN A 211 -5.37 7.34 -15.39
N LEU A 212 -5.81 8.16 -14.41
CA LEU A 212 -5.55 7.93 -13.00
C LEU A 212 -6.38 6.77 -12.43
N THR A 213 -7.66 6.66 -12.82
CA THR A 213 -8.52 5.57 -12.36
C THR A 213 -8.06 4.26 -12.94
N LYS A 214 -7.56 4.26 -14.20
CA LYS A 214 -6.98 3.07 -14.84
C LYS A 214 -5.72 2.61 -14.06
N LEU A 215 -4.87 3.56 -13.64
CA LEU A 215 -3.66 3.32 -12.84
C LEU A 215 -4.05 2.69 -11.47
N LEU A 216 -5.04 3.29 -10.77
CA LEU A 216 -5.54 2.76 -9.50
C LEU A 216 -6.07 1.34 -9.66
N ASP A 217 -6.85 1.07 -10.74
CA ASP A 217 -7.42 -0.25 -10.99
C ASP A 217 -6.33 -1.30 -11.21
N SER A 218 -5.28 -0.95 -11.96
CA SER A 218 -4.17 -1.85 -12.23
C SER A 218 -3.38 -2.23 -10.94
N MET A 219 -3.57 -1.49 -9.81
CA MET A 219 -2.87 -1.81 -8.55
C MET A 219 -3.34 -3.15 -7.97
N HIS A 220 -4.63 -3.49 -8.15
CA HIS A 220 -5.23 -4.72 -7.65
C HIS A 220 -4.52 -6.00 -8.15
N ASP A 221 -4.21 -6.07 -9.45
CA ASP A 221 -3.54 -7.23 -10.05
C ASP A 221 -2.11 -7.43 -9.52
N LEU A 222 -1.33 -6.34 -9.44
CA LEU A 222 0.03 -6.44 -8.91
C LEU A 222 0.00 -6.85 -7.42
N VAL A 223 -0.89 -6.22 -6.64
CA VAL A 223 -1.05 -6.49 -5.21
C VAL A 223 -1.41 -7.97 -4.98
N SER A 224 -2.27 -8.53 -5.85
N SER A 224 -2.28 -8.53 -5.83
CA SER A 224 -2.69 -9.93 -5.78
CA SER A 224 -2.68 -9.94 -5.75
C SER A 224 -1.46 -10.85 -5.86
C SER A 224 -1.47 -10.88 -5.87
N ASP A 225 -0.55 -10.58 -6.81
CA ASP A 225 0.68 -11.36 -7.03
C ASP A 225 1.68 -11.16 -5.88
N LEU A 226 1.80 -9.93 -5.34
CA LEU A 226 2.65 -9.65 -4.18
C LEU A 226 2.15 -10.39 -2.95
N LEU A 227 0.81 -10.35 -2.69
CA LEU A 227 0.23 -11.07 -1.56
C LEU A 227 0.40 -12.58 -1.69
N GLU A 228 0.24 -13.13 -2.92
CA GLU A 228 0.43 -14.57 -3.16
C GLU A 228 1.84 -15.00 -2.70
N PHE A 229 2.87 -14.23 -3.06
CA PHE A 229 4.23 -14.56 -2.65
C PHE A 229 4.44 -14.35 -1.15
N CYS A 230 3.83 -13.30 -0.57
CA CYS A 230 3.95 -12.98 0.84
C CYS A 230 3.29 -14.06 1.69
N PHE A 231 2.12 -14.57 1.26
CA PHE A 231 1.42 -15.66 1.95
C PHE A 231 2.25 -16.94 1.95
N TYR A 232 2.89 -17.22 0.81
CA TYR A 232 3.78 -18.36 0.63
C TYR A 232 4.96 -18.32 1.60
N THR A 233 5.71 -17.19 1.65
CA THR A 233 6.87 -17.08 2.54
C THR A 233 6.44 -17.08 4.01
N PHE A 234 5.24 -16.56 4.31
CA PHE A 234 4.68 -16.54 5.66
C PHE A 234 4.35 -17.96 6.17
N ARG A 235 3.65 -18.75 5.34
CA ARG A 235 3.20 -20.11 5.62
C ARG A 235 4.32 -21.13 5.80
N GLU A 236 5.53 -20.84 5.30
CA GLU A 236 6.71 -21.71 5.47
C GLU A 236 7.99 -20.85 5.71
N SER A 237 7.87 -19.85 6.62
CA SER A 237 8.91 -18.86 6.95
C SER A 237 10.23 -19.44 7.42
N HIS A 238 10.27 -20.27 8.51
CA HIS A 238 11.53 -20.85 9.02
C HIS A 238 12.19 -21.82 8.02
N ALA A 239 11.37 -22.48 7.15
CA ALA A 239 11.84 -23.38 6.09
C ALA A 239 12.68 -22.62 5.05
N LEU A 240 12.42 -21.30 4.90
CA LEU A 240 13.12 -20.38 4.01
C LEU A 240 13.89 -19.29 4.79
N LYS A 241 13.89 -19.36 6.16
CA LYS A 241 14.51 -18.44 7.12
C LYS A 241 14.01 -16.96 7.00
N VAL A 242 12.75 -16.77 6.56
CA VAL A 242 12.20 -15.41 6.40
C VAL A 242 11.53 -14.95 7.68
N GLU A 243 12.06 -13.85 8.26
CA GLU A 243 11.55 -13.28 9.52
C GLU A 243 10.43 -12.26 9.26
N PHE A 244 9.39 -12.29 10.10
CA PHE A 244 8.26 -11.37 10.07
C PHE A 244 8.14 -10.63 11.41
N PRO A 245 7.99 -9.28 11.43
CA PRO A 245 7.78 -8.60 12.72
C PRO A 245 6.36 -8.87 13.22
N ALA A 246 6.13 -8.65 14.52
CA ALA A 246 4.85 -8.91 15.18
C ALA A 246 3.64 -8.27 14.49
N MET A 247 3.81 -7.04 13.99
CA MET A 247 2.77 -6.29 13.29
C MET A 247 2.33 -7.02 12.02
N LEU A 248 3.29 -7.52 11.22
CA LEU A 248 2.95 -8.29 10.03
C LEU A 248 2.35 -9.63 10.37
N VAL A 249 2.86 -10.31 11.42
CA VAL A 249 2.29 -11.62 11.84
C VAL A 249 0.80 -11.44 12.12
N GLU A 250 0.43 -10.39 12.87
CA GLU A 250 -0.95 -10.13 13.24
C GLU A 250 -1.82 -9.85 12.00
N ILE A 251 -1.37 -8.94 11.11
CA ILE A 251 -2.11 -8.54 9.90
C ILE A 251 -2.27 -9.71 8.95
N ILE A 252 -1.16 -10.39 8.62
CA ILE A 252 -1.17 -11.53 7.70
C ILE A 252 -2.02 -12.69 8.24
N SER A 253 -1.90 -13.04 9.54
CA SER A 253 -2.69 -14.14 10.14
C SER A 253 -4.21 -13.94 9.98
N ASP A 254 -4.67 -12.69 10.05
CA ASP A 254 -6.08 -12.34 9.89
C ASP A 254 -6.47 -12.27 8.39
N GLN A 255 -5.66 -11.57 7.60
CA GLN A 255 -5.86 -11.32 6.18
C GLN A 255 -5.77 -12.59 5.30
N LEU A 256 -4.71 -13.42 5.47
CA LEU A 256 -4.42 -14.65 4.69
C LEU A 256 -5.68 -15.55 4.52
N PRO A 257 -6.37 -16.02 5.60
CA PRO A 257 -7.57 -16.85 5.39
C PRO A 257 -8.71 -16.14 4.66
N LYS A 258 -8.88 -14.82 4.88
CA LYS A 258 -9.93 -14.02 4.24
C LYS A 258 -9.72 -13.87 2.74
N VAL A 259 -8.48 -13.57 2.32
CA VAL A 259 -8.09 -13.38 0.91
C VAL A 259 -8.22 -14.70 0.13
N GLU A 260 -7.73 -15.82 0.70
CA GLU A 260 -7.80 -17.14 0.04
C GLU A 260 -9.22 -17.72 -0.02
N SER A 261 -10.09 -17.39 0.96
CA SER A 261 -11.49 -17.86 0.95
C SER A 261 -12.39 -17.01 0.04
N GLY A 262 -11.80 -15.98 -0.61
CA GLY A 262 -12.50 -15.06 -1.50
C GLY A 262 -13.38 -14.04 -0.79
N ASN A 263 -13.09 -13.79 0.50
CA ASN A 263 -13.86 -12.82 1.29
C ASN A 263 -13.42 -11.39 1.01
N ALA A 264 -12.29 -11.21 0.34
CA ALA A 264 -11.82 -9.88 -0.03
C ALA A 264 -12.57 -9.44 -1.26
N LYS A 265 -12.93 -8.16 -1.32
CA LYS A 265 -13.63 -7.62 -2.46
C LYS A 265 -12.90 -6.40 -3.00
N PRO A 266 -12.11 -6.57 -4.07
CA PRO A 266 -11.47 -5.40 -4.68
C PRO A 266 -12.51 -4.50 -5.35
N LEU A 267 -12.43 -3.20 -5.10
CA LEU A 267 -13.32 -2.20 -5.68
C LEU A 267 -12.62 -1.60 -6.87
N TYR A 268 -13.24 -1.77 -8.04
CA TYR A 268 -12.70 -1.29 -9.30
C TYR A 268 -13.50 -0.10 -9.77
N PHE A 269 -12.83 0.89 -10.37
CA PHE A 269 -13.55 2.00 -11.01
C PHE A 269 -14.21 1.49 -12.31
N HIS A 270 -13.47 0.67 -13.04
CA HIS A 270 -13.87 0.15 -14.33
C HIS A 270 -13.65 -1.33 -14.30
N ARG A 271 -14.74 -2.07 -14.17
CA ARG A 271 -14.71 -3.53 -14.10
C ARG A 271 -13.98 -4.09 -15.33
N LYS A 272 -13.09 -5.09 -15.08
CA LYS A 272 -12.28 -5.76 -16.10
C LYS A 272 -13.15 -6.58 -17.05
N LYS B 6 -6.44 -7.30 23.40
CA LYS B 6 -6.41 -6.28 22.34
C LYS B 6 -5.21 -6.49 21.41
N SER B 7 -5.47 -6.52 20.08
CA SER B 7 -4.46 -6.67 19.04
C SER B 7 -3.60 -5.40 18.94
N LEU B 8 -2.42 -5.50 18.29
CA LEU B 8 -1.51 -4.37 18.08
C LEU B 8 -2.16 -3.24 17.30
N LEU B 9 -2.93 -3.58 16.25
CA LEU B 9 -3.65 -2.61 15.43
C LEU B 9 -4.74 -1.88 16.24
N GLN B 10 -5.49 -2.64 17.08
CA GLN B 10 -6.51 -2.10 18.00
C GLN B 10 -5.88 -1.12 18.99
N GLN B 11 -4.74 -1.50 19.62
CA GLN B 11 -3.97 -0.66 20.56
C GLN B 11 -3.55 0.64 19.90
N LEU B 12 -2.96 0.56 18.69
CA LEU B 12 -2.52 1.71 17.92
C LEU B 12 -3.66 2.63 17.54
N LEU B 13 -4.81 2.07 17.10
CA LEU B 13 -5.94 2.93 16.70
C LEU B 13 -6.70 3.57 17.87
N THR B 14 -6.59 3.00 19.09
CA THR B 14 -7.30 3.53 20.26
C THR B 14 -6.39 4.33 21.19
N GLU B 15 -5.07 4.36 20.94
CA GLU B 15 -4.13 5.14 21.78
C GLU B 15 -4.24 6.66 21.53
C1 ECV C . 8.85 -2.74 2.85
C3 ECV C . 7.92 -1.89 0.77
O4 ECV C . 8.30 -0.74 0.95
C7 ECV C . 5.09 -3.50 -1.27
C9 ECV C . 6.59 -4.35 -2.88
C10 ECV C . 6.92 -4.52 -4.21
C11 ECV C . 7.97 -5.36 -4.52
C13 ECV C . 8.69 -6.02 -3.53
C14 ECV C . 8.34 -5.86 -2.20
C15 ECV C . 7.28 -5.04 -1.87
C19 ECV C . 6.70 -7.23 0.28
C20 ECV C . 5.95 -7.80 -0.74
C21 ECV C . 5.92 -9.19 -0.86
C22 ECV C . 6.64 -9.97 0.03
C24 ECV C . 7.81 -11.97 0.41
N2 ECV C . 8.27 -2.94 1.55
C5 ECV C . 7.08 -2.27 -0.41
C6 ECV C . 6.23 -3.53 -0.28
O8 ECV C . 5.54 -3.46 -2.63
F12 ECV C . 8.30 -5.52 -5.80
N16 ECV C . 6.91 -4.81 -0.52
C17 ECV C . 6.81 -5.76 0.51
O18 ECV C . 6.81 -5.44 1.69
O23 ECV C . 6.60 -11.36 -0.06
C25 ECV C . 8.17 -11.54 1.81
O26 ECV C . 8.57 -12.33 2.67
N27 ECV C . 8.04 -10.19 1.97
C28 ECV C . 7.36 -9.39 1.05
C29 ECV C . 7.41 -8.01 1.17
#